data_5EOF
#
_entry.id   5EOF
#
_cell.length_a   36.321
_cell.length_b   54.775
_cell.length_c   153.141
_cell.angle_alpha   90.00
_cell.angle_beta   90.00
_cell.angle_gamma   90.00
#
_symmetry.space_group_name_H-M   'P 21 21 21'
#
loop_
_entity.id
_entity.type
_entity.pdbx_description
1 polymer Optineurin
2 polymer 'Serine/threonine-protein kinase TBK1'
3 water water
#
loop_
_entity_poly.entity_id
_entity_poly.type
_entity_poly.pdbx_seq_one_letter_code
_entity_poly.pdbx_strand_id
1 'polypeptide(L)'
;GPGSHLAHPNLDTFTPEELLQQMKELLTENHQLKEAMKLNNQAMKGRFEELSAWTEKQKEERQFFEIQSKEAKERLMALS
HE
;
A,B
2 'polypeptide(L)' GPGSYPSSNTLVEMTLGMKKLKEEMEGVVKELAENNHILERFGSLTMDGGLRNVDCL C,D
#
# COMPACT_ATOMS: atom_id res chain seq x y z
N HIS A 8 -4.00 39.48 9.07
CA HIS A 8 -2.61 39.92 9.16
C HIS A 8 -1.81 39.59 7.90
N PRO A 9 -2.05 40.34 6.82
CA PRO A 9 -1.41 40.14 5.51
C PRO A 9 0.12 40.12 5.52
N ASN A 10 0.78 41.03 6.23
CA ASN A 10 2.24 40.99 6.29
C ASN A 10 2.80 39.73 6.98
N LEU A 11 2.27 39.41 8.15
CA LEU A 11 2.68 38.21 8.90
C LEU A 11 2.30 36.90 8.22
N ASP A 12 1.08 36.83 7.71
CA ASP A 12 0.52 35.61 7.14
C ASP A 12 0.92 35.43 5.66
N THR A 13 1.81 36.28 5.17
CA THR A 13 2.36 36.10 3.84
C THR A 13 3.85 35.76 3.93
N PHE A 14 4.25 34.67 3.28
CA PHE A 14 5.63 34.20 3.31
C PHE A 14 6.52 35.11 2.50
N THR A 15 7.78 35.25 2.92
CA THR A 15 8.79 35.90 2.08
C THR A 15 9.26 34.91 1.02
N PRO A 16 10.01 35.39 0.01
CA PRO A 16 10.60 34.46 -0.95
C PRO A 16 11.49 33.41 -0.27
N GLU A 17 12.28 33.83 0.72
CA GLU A 17 13.15 32.88 1.43
C GLU A 17 12.35 31.81 2.20
N GLU A 18 11.23 32.20 2.81
CA GLU A 18 10.40 31.20 3.50
C GLU A 18 9.73 30.25 2.50
N LEU A 19 9.37 30.76 1.31
CA LEU A 19 8.74 29.93 0.29
C LEU A 19 9.71 28.86 -0.19
N LEU A 20 10.94 29.29 -0.47
CA LEU A 20 12.03 28.38 -0.79
C LEU A 20 12.24 27.32 0.27
N GLN A 21 12.27 27.75 1.54
CA GLN A 21 12.40 26.80 2.63
C GLN A 21 11.27 25.75 2.61
N GLN A 22 10.04 26.21 2.41
CA GLN A 22 8.90 25.32 2.36
C GLN A 22 9.03 24.34 1.21
N MET A 23 9.57 24.80 0.08
CA MET A 23 9.73 23.95 -1.11
C MET A 23 10.75 22.85 -0.87
N LYS A 24 11.82 23.22 -0.16
CA LYS A 24 12.84 22.28 0.26
C LYS A 24 12.23 21.20 1.15
N GLU A 25 11.40 21.62 2.09
CA GLU A 25 10.75 20.69 3.04
C GLU A 25 9.75 19.73 2.36
N LEU A 26 8.97 20.24 1.40
CA LEU A 26 7.99 19.42 0.70
C LEU A 26 8.68 18.38 -0.19
N LEU A 27 9.79 18.79 -0.77
CA LEU A 27 10.64 17.89 -1.55
C LEU A 27 11.08 16.73 -0.67
N THR A 28 11.59 17.04 0.52
CA THR A 28 12.06 16.02 1.44
C THR A 28 10.92 15.08 1.82
N GLU A 29 9.76 15.65 2.13
CA GLU A 29 8.64 14.83 2.53
C GLU A 29 8.18 13.92 1.39
N ASN A 30 8.14 14.47 0.18
CA ASN A 30 7.76 13.67 -0.98
C ASN A 30 8.77 12.59 -1.31
N HIS A 31 10.05 12.87 -1.14
CA HIS A 31 11.08 11.87 -1.41
C HIS A 31 10.97 10.72 -0.42
N GLN A 32 10.82 11.08 0.86
CA GLN A 32 10.65 10.05 1.90
C GLN A 32 9.41 9.22 1.64
N LEU A 33 8.33 9.87 1.23
CA LEU A 33 7.12 9.19 0.82
C LEU A 33 7.38 8.20 -0.33
N LYS A 34 8.03 8.67 -1.39
CA LYS A 34 8.33 7.80 -2.53
C LYS A 34 9.13 6.56 -2.07
N GLU A 35 10.22 6.79 -1.34
CA GLU A 35 11.09 5.71 -0.92
C GLU A 35 10.35 4.71 -0.03
N ALA A 36 9.48 5.21 0.85
CA ALA A 36 8.68 4.34 1.72
C ALA A 36 7.73 3.47 0.91
N MET A 37 7.13 4.05 -0.15
CA MET A 37 6.26 3.28 -1.01
CA MET A 37 6.25 3.29 -1.02
C MET A 37 7.01 2.22 -1.82
N LYS A 38 8.25 2.51 -2.20
CA LYS A 38 9.07 1.49 -2.87
C LYS A 38 9.23 0.29 -1.92
N LEU A 39 9.54 0.59 -0.66
CA LEU A 39 9.77 -0.47 0.33
C LEU A 39 8.49 -1.27 0.56
N ASN A 40 7.36 -0.57 0.63
CA ASN A 40 6.07 -1.24 0.78
C ASN A 40 5.77 -2.19 -0.39
N ASN A 41 6.10 -1.78 -1.62
CA ASN A 41 5.86 -2.64 -2.78
C ASN A 41 6.72 -3.90 -2.74
N GLN A 42 8.01 -3.72 -2.42
CA GLN A 42 8.90 -4.86 -2.22
C GLN A 42 8.31 -5.82 -1.19
N ALA A 43 7.89 -5.28 -0.04
CA ALA A 43 7.37 -6.16 1.03
C ALA A 43 6.07 -6.83 0.62
N MET A 44 5.20 -6.10 -0.08
CA MET A 44 3.94 -6.68 -0.54
C MET A 44 4.18 -7.84 -1.51
N LYS A 45 5.21 -7.72 -2.33
CA LYS A 45 5.57 -8.81 -3.23
C LYS A 45 6.05 -10.01 -2.43
N GLY A 46 6.75 -9.77 -1.33
CA GLY A 46 7.16 -10.83 -0.44
C GLY A 46 5.97 -11.50 0.22
N ARG A 47 5.06 -10.69 0.78
CA ARG A 47 3.84 -11.23 1.40
C ARG A 47 3.05 -12.08 0.42
N PHE A 48 3.03 -11.66 -0.84
CA PHE A 48 2.32 -12.40 -1.88
C PHE A 48 2.94 -13.77 -2.15
N GLU A 49 4.27 -13.85 -2.25
CA GLU A 49 4.92 -15.14 -2.49
C GLU A 49 4.72 -16.06 -1.30
N GLU A 50 4.82 -15.49 -0.11
CA GLU A 50 4.59 -16.23 1.14
C GLU A 50 3.20 -16.83 1.21
N LEU A 51 2.20 -16.02 0.92
CA LEU A 51 0.82 -16.49 0.95
C LEU A 51 0.57 -17.55 -0.12
N SER A 52 1.17 -17.40 -1.30
CA SER A 52 1.06 -18.40 -2.38
C SER A 52 1.69 -19.73 -1.97
N ALA A 53 2.91 -19.67 -1.47
CA ALA A 53 3.56 -20.88 -0.98
C ALA A 53 2.74 -21.54 0.13
N TRP A 54 2.17 -20.74 1.01
CA TRP A 54 1.41 -21.26 2.17
C TRP A 54 0.15 -21.97 1.74
N THR A 55 -0.59 -21.36 0.80
CA THR A 55 -1.83 -21.97 0.35
C THR A 55 -1.55 -23.30 -0.38
N GLU A 56 -0.44 -23.38 -1.11
CA GLU A 56 -0.03 -24.64 -1.72
C GLU A 56 0.28 -25.71 -0.68
N LYS A 57 0.97 -25.33 0.38
CA LYS A 57 1.28 -26.26 1.45
C LYS A 57 -0.01 -26.73 2.09
N GLN A 58 -0.95 -25.81 2.33
CA GLN A 58 -2.21 -26.20 2.97
C GLN A 58 -2.99 -27.23 2.14
N LYS A 59 -3.08 -26.97 0.84
CA LYS A 59 -3.77 -27.86 -0.09
C LYS A 59 -3.14 -29.25 -0.05
N GLU A 60 -1.81 -29.30 -0.11
CA GLU A 60 -1.11 -30.57 -0.05
C GLU A 60 -1.36 -31.32 1.25
N GLU A 61 -1.38 -30.59 2.37
CA GLU A 61 -1.66 -31.27 3.65
C GLU A 61 -3.11 -31.75 3.72
N ARG A 62 -4.04 -30.92 3.27
CA ARG A 62 -5.43 -31.33 3.18
C ARG A 62 -5.58 -32.64 2.39
N GLN A 63 -4.88 -32.72 1.26
CA GLN A 63 -4.96 -33.91 0.43
C GLN A 63 -4.38 -35.16 1.11
N PHE A 64 -3.25 -35.00 1.78
CA PHE A 64 -2.67 -36.08 2.54
C PHE A 64 -3.72 -36.63 3.48
N PHE A 65 -4.46 -35.75 4.15
CA PHE A 65 -5.43 -36.21 5.14
C PHE A 65 -6.67 -36.82 4.49
N GLU A 66 -7.15 -36.25 3.39
CA GLU A 66 -8.29 -36.87 2.68
C GLU A 66 -7.93 -38.27 2.27
N ILE A 67 -6.70 -38.44 1.78
CA ILE A 67 -6.25 -39.75 1.33
C ILE A 67 -6.13 -40.72 2.49
N GLN A 68 -5.55 -40.28 3.62
CA GLN A 68 -5.42 -41.17 4.78
C GLN A 68 -6.80 -41.62 5.25
N SER A 69 -7.73 -40.67 5.28
CA SER A 69 -9.08 -40.92 5.74
C SER A 69 -9.78 -41.93 4.85
N LYS A 70 -9.68 -41.73 3.53
CA LYS A 70 -10.27 -42.69 2.58
C LYS A 70 -9.66 -44.09 2.67
N GLU A 71 -8.35 -44.15 2.82
CA GLU A 71 -7.69 -45.45 2.93
C GLU A 71 -8.13 -46.17 4.21
N ALA A 72 -8.21 -45.42 5.30
CA ALA A 72 -8.65 -45.99 6.58
C ALA A 72 -10.11 -46.46 6.55
N LYS A 73 -10.97 -45.68 5.89
CA LYS A 73 -12.36 -46.08 5.77
C LYS A 73 -12.50 -47.38 4.94
N GLU A 74 -11.65 -47.50 3.94
CA GLU A 74 -11.61 -48.70 3.09
C GLU A 74 -11.03 -49.94 3.77
N ARG A 75 -9.92 -49.79 4.51
CA ARG A 75 -9.26 -50.92 5.16
C ARG A 75 -10.26 -51.55 6.12
N LEU A 76 -11.05 -50.69 6.75
CA LEU A 76 -12.08 -51.15 7.67
C LEU A 76 -13.10 -52.03 6.96
N MET A 77 -13.73 -51.51 5.92
CA MET A 77 -14.70 -52.29 5.16
C MET A 77 -14.13 -53.60 4.65
N ALA A 78 -12.88 -53.55 4.17
CA ALA A 78 -12.22 -54.72 3.59
C ALA A 78 -11.85 -55.78 4.64
N LEU A 79 -12.42 -55.67 5.84
CA LEU A 79 -12.21 -56.66 6.89
C LEU A 79 -13.49 -56.96 7.66
N SER A 80 -14.39 -55.98 7.74
CA SER A 80 -15.71 -56.18 8.33
C SER A 80 -16.57 -57.06 7.43
N HIS A 81 -15.93 -57.97 6.71
CA HIS A 81 -16.54 -58.70 5.61
C HIS A 81 -15.81 -60.01 5.39
N HIS B 8 13.31 40.77 -22.00
CA HIS B 8 12.45 39.59 -21.90
C HIS B 8 12.97 38.59 -20.87
N PRO B 9 12.06 37.83 -20.24
CA PRO B 9 12.48 36.83 -19.24
C PRO B 9 13.30 35.72 -19.89
N ASN B 10 14.19 35.07 -19.13
CA ASN B 10 14.98 33.97 -19.68
C ASN B 10 14.16 32.68 -19.74
N LEU B 11 14.52 31.80 -20.68
CA LEU B 11 13.67 30.65 -21.03
C LEU B 11 13.50 29.64 -19.90
N ASP B 12 14.59 29.34 -19.20
CA ASP B 12 14.54 28.31 -18.17
C ASP B 12 14.28 28.89 -16.77
N THR B 13 13.63 30.05 -16.73
CA THR B 13 13.28 30.67 -15.47
C THR B 13 11.83 31.13 -15.51
N PHE B 14 11.02 30.68 -14.56
CA PHE B 14 9.60 31.05 -14.52
C PHE B 14 9.38 32.56 -14.36
N THR B 15 8.42 33.08 -15.10
CA THR B 15 7.88 34.41 -14.81
C THR B 15 6.96 34.25 -13.60
N PRO B 16 6.54 35.37 -12.99
CA PRO B 16 5.61 35.24 -11.86
C PRO B 16 4.35 34.46 -12.27
N GLU B 17 3.79 34.79 -13.43
CA GLU B 17 2.59 34.12 -13.94
C GLU B 17 2.80 32.62 -14.10
N GLU B 18 3.97 32.23 -14.63
CA GLU B 18 4.31 30.84 -14.85
C GLU B 18 4.51 30.10 -13.52
N LEU B 19 4.99 30.84 -12.52
CA LEU B 19 5.25 30.28 -11.21
C LEU B 19 3.94 29.93 -10.54
N LEU B 20 2.96 30.83 -10.66
CA LEU B 20 1.61 30.59 -10.13
C LEU B 20 0.90 29.45 -10.88
N GLN B 21 1.09 29.38 -12.19
CA GLN B 21 0.52 28.27 -12.97
C GLN B 21 1.06 26.97 -12.44
N GLN B 22 2.36 26.92 -12.23
CA GLN B 22 3.03 25.69 -11.81
C GLN B 22 2.56 25.33 -10.41
N MET B 23 2.29 26.33 -9.59
CA MET B 23 1.75 26.08 -8.25
C MET B 23 0.36 25.46 -8.32
N LYS B 24 -0.53 25.99 -9.17
CA LYS B 24 -1.84 25.38 -9.36
C LYS B 24 -1.75 23.93 -9.87
N GLU B 25 -0.77 23.63 -10.71
CA GLU B 25 -0.61 22.24 -11.17
C GLU B 25 -0.22 21.31 -10.04
N LEU B 26 0.63 21.80 -9.14
CA LEU B 26 1.07 20.99 -8.00
C LEU B 26 -0.09 20.69 -7.05
N LEU B 27 -0.95 21.67 -6.87
CA LEU B 27 -2.13 21.52 -6.02
C LEU B 27 -3.02 20.44 -6.61
N THR B 28 -3.26 20.54 -7.90
CA THR B 28 -4.07 19.56 -8.61
C THR B 28 -3.48 18.16 -8.46
N GLU B 29 -2.19 18.03 -8.74
CA GLU B 29 -1.54 16.72 -8.67
C GLU B 29 -1.55 16.16 -7.24
N ASN B 30 -1.22 17.00 -6.27
CA ASN B 30 -1.21 16.60 -4.85
C ASN B 30 -2.59 16.15 -4.39
N HIS B 31 -3.62 16.90 -4.78
CA HIS B 31 -4.98 16.52 -4.41
C HIS B 31 -5.32 15.16 -5.01
N GLN B 32 -4.93 14.97 -6.27
CA GLN B 32 -5.13 13.71 -6.97
C GLN B 32 -4.46 12.57 -6.21
N LEU B 33 -3.20 12.79 -5.82
CA LEU B 33 -2.45 11.82 -5.03
C LEU B 33 -3.16 11.48 -3.75
N LYS B 34 -3.70 12.50 -3.08
CA LYS B 34 -4.32 12.23 -1.77
C LYS B 34 -5.54 11.33 -1.92
N GLU B 35 -6.36 11.63 -2.93
CA GLU B 35 -7.58 10.86 -3.15
C GLU B 35 -7.24 9.43 -3.59
N ALA B 36 -6.21 9.30 -4.41
CA ALA B 36 -5.74 7.98 -4.84
C ALA B 36 -5.25 7.15 -3.65
N MET B 37 -4.55 7.82 -2.73
CA MET B 37 -4.04 7.16 -1.55
CA MET B 37 -4.04 7.17 -1.53
C MET B 37 -5.18 6.64 -0.65
N LYS B 38 -6.23 7.45 -0.50
CA LYS B 38 -7.41 7.02 0.25
C LYS B 38 -8.02 5.78 -0.39
N LEU B 39 -8.12 5.81 -1.72
CA LEU B 39 -8.65 4.65 -2.46
C LEU B 39 -7.75 3.45 -2.27
N ASN B 40 -6.43 3.70 -2.30
CA ASN B 40 -5.46 2.63 -2.17
C ASN B 40 -5.52 1.99 -0.79
N ASN B 41 -5.74 2.82 0.23
CA ASN B 41 -5.84 2.26 1.57
CA ASN B 41 -5.88 2.36 1.61
C ASN B 41 -7.15 1.52 1.79
N GLN B 42 -8.22 1.95 1.14
CA GLN B 42 -9.46 1.18 1.18
C GLN B 42 -9.22 -0.19 0.55
N ALA B 43 -8.47 -0.20 -0.55
CA ALA B 43 -8.15 -1.48 -1.21
C ALA B 43 -7.28 -2.38 -0.33
N MET B 44 -6.30 -1.79 0.35
CA MET B 44 -5.43 -2.54 1.26
C MET B 44 -6.28 -3.26 2.31
N LYS B 45 -7.23 -2.52 2.86
CA LYS B 45 -8.08 -3.02 3.94
C LYS B 45 -9.01 -4.11 3.43
N GLY B 46 -9.55 -3.90 2.23
CA GLY B 46 -10.43 -4.87 1.59
C GLY B 46 -9.69 -6.17 1.31
N ARG B 47 -8.50 -6.06 0.74
CA ARG B 47 -7.68 -7.25 0.52
C ARG B 47 -7.31 -7.95 1.83
N PHE B 48 -6.92 -7.18 2.86
CA PHE B 48 -6.56 -7.77 4.14
C PHE B 48 -7.75 -8.57 4.66
N GLU B 49 -8.95 -8.00 4.56
CA GLU B 49 -10.14 -8.69 5.04
C GLU B 49 -10.38 -9.99 4.25
N GLU B 50 -10.21 -9.93 2.94
CA GLU B 50 -10.44 -11.10 2.08
C GLU B 50 -9.41 -12.17 2.33
N LEU B 51 -8.16 -11.79 2.55
CA LEU B 51 -7.11 -12.77 2.78
CA LEU B 51 -7.10 -12.75 2.77
C LEU B 51 -7.25 -13.43 4.14
N SER B 52 -7.71 -12.66 5.13
CA SER B 52 -7.97 -13.20 6.47
CA SER B 52 -7.95 -13.20 6.46
C SER B 52 -9.02 -14.29 6.40
N ALA B 53 -10.14 -13.97 5.79
CA ALA B 53 -11.24 -14.92 5.61
C ALA B 53 -10.75 -16.18 4.88
N TRP B 54 -9.97 -15.97 3.82
CA TRP B 54 -9.47 -17.03 2.98
C TRP B 54 -8.48 -17.94 3.70
N THR B 55 -7.51 -17.35 4.39
CA THR B 55 -6.57 -18.17 5.16
C THR B 55 -7.30 -18.97 6.25
N GLU B 56 -8.28 -18.33 6.88
CA GLU B 56 -9.05 -19.00 7.93
C GLU B 56 -9.80 -20.20 7.37
N LYS B 57 -10.41 -20.03 6.20
CA LYS B 57 -11.17 -21.09 5.59
C LYS B 57 -10.26 -22.31 5.35
N GLN B 58 -9.06 -22.08 4.86
CA GLN B 58 -8.14 -23.18 4.57
C GLN B 58 -7.62 -23.89 5.81
N LYS B 59 -7.44 -23.17 6.91
CA LYS B 59 -7.08 -23.79 8.19
C LYS B 59 -8.20 -24.71 8.66
N GLU B 60 -9.43 -24.19 8.63
CA GLU B 60 -10.61 -24.94 9.04
C GLU B 60 -10.81 -26.20 8.20
N GLU B 61 -10.52 -26.10 6.92
CA GLU B 61 -10.63 -27.26 6.02
C GLU B 61 -9.52 -28.28 6.21
N ARG B 62 -8.31 -27.80 6.52
CA ARG B 62 -7.22 -28.72 6.86
C ARG B 62 -7.58 -29.47 8.14
N GLN B 63 -8.00 -28.72 9.15
CA GLN B 63 -8.33 -29.28 10.45
C GLN B 63 -9.48 -30.27 10.38
N PHE B 64 -10.47 -29.98 9.54
CA PHE B 64 -11.57 -30.92 9.35
C PHE B 64 -11.06 -32.28 8.86
N PHE B 65 -10.20 -32.28 7.86
CA PHE B 65 -9.72 -33.56 7.33
C PHE B 65 -8.72 -34.24 8.24
N GLU B 66 -7.94 -33.45 8.96
CA GLU B 66 -7.05 -34.01 9.97
C GLU B 66 -7.84 -34.75 11.05
N ILE B 67 -8.93 -34.15 11.52
CA ILE B 67 -9.76 -34.81 12.53
C ILE B 67 -10.43 -36.05 11.94
N GLN B 68 -10.95 -35.91 10.72
CA GLN B 68 -11.57 -37.03 10.03
C GLN B 68 -10.59 -38.21 9.91
N SER B 69 -9.36 -37.93 9.50
CA SER B 69 -8.37 -38.99 9.34
CA SER B 69 -8.36 -38.98 9.34
C SER B 69 -8.01 -39.64 10.68
N LYS B 70 -7.79 -38.81 11.69
CA LYS B 70 -7.45 -39.27 13.03
C LYS B 70 -8.52 -40.21 13.58
N GLU B 71 -9.79 -39.82 13.46
CA GLU B 71 -10.87 -40.63 14.02
C GLU B 71 -11.04 -41.92 13.22
N ALA B 72 -10.83 -41.86 11.91
CA ALA B 72 -10.94 -43.05 11.08
C ALA B 72 -9.89 -44.11 11.44
N LYS B 73 -8.67 -43.64 11.69
CA LYS B 73 -7.58 -44.51 12.08
C LYS B 73 -7.84 -45.10 13.47
N GLU B 74 -8.43 -44.31 14.36
CA GLU B 74 -8.74 -44.76 15.71
C GLU B 74 -9.80 -45.85 15.65
N ARG B 75 -10.75 -45.66 14.74
CA ARG B 75 -11.84 -46.60 14.55
C ARG B 75 -11.28 -47.90 13.98
N LEU B 76 -10.35 -47.77 13.04
CA LEU B 76 -9.69 -48.93 12.44
C LEU B 76 -8.99 -49.77 13.50
N MET B 77 -8.30 -49.11 14.42
CA MET B 77 -7.54 -49.84 15.44
C MET B 77 -8.44 -50.51 16.45
N ALA B 78 -9.47 -49.82 16.89
CA ALA B 78 -10.37 -50.37 17.90
C ALA B 78 -11.23 -51.49 17.35
N LEU B 79 -11.53 -51.44 16.06
CA LEU B 79 -12.39 -52.47 15.47
C LEU B 79 -11.61 -53.58 14.77
N SER B 80 -10.29 -53.43 14.72
CA SER B 80 -9.38 -54.46 14.19
C SER B 80 -9.34 -55.73 15.02
N HIS B 81 -9.45 -55.59 16.34
CA HIS B 81 -9.44 -56.75 17.25
C HIS B 81 -10.47 -57.81 16.85
N PRO C 6 7.39 38.05 -6.65
CA PRO C 6 7.77 38.89 -5.51
C PRO C 6 6.76 40.02 -5.25
N SER C 7 5.81 40.23 -6.16
CA SER C 7 4.70 41.15 -5.91
C SER C 7 3.84 40.62 -4.76
N SER C 8 3.08 41.50 -4.13
CA SER C 8 2.20 41.11 -3.03
C SER C 8 1.28 39.95 -3.46
N ASN C 9 0.53 40.17 -4.54
CA ASN C 9 -0.41 39.17 -5.02
C ASN C 9 0.23 37.81 -5.26
N THR C 10 1.39 37.82 -5.90
CA THR C 10 2.13 36.59 -6.18
C THR C 10 2.50 35.86 -4.89
N LEU C 11 3.04 36.59 -3.92
CA LEU C 11 3.45 36.01 -2.64
C LEU C 11 2.26 35.50 -1.83
N VAL C 12 1.13 36.21 -1.90
CA VAL C 12 -0.08 35.78 -1.21
C VAL C 12 -0.61 34.48 -1.84
N GLU C 13 -0.64 34.44 -3.16
CA GLU C 13 -1.16 33.26 -3.84
C GLU C 13 -0.20 32.07 -3.70
N MET C 14 1.10 32.32 -3.72
CA MET C 14 2.08 31.26 -3.49
C MET C 14 2.00 30.74 -2.06
N THR C 15 1.77 31.65 -1.12
CA THR C 15 1.69 31.28 0.29
C THR C 15 0.50 30.37 0.54
N LEU C 16 -0.67 30.79 0.05
CA LEU C 16 -1.89 29.98 0.12
C LEU C 16 -1.65 28.60 -0.48
N GLY C 17 -1.07 28.56 -1.67
CA GLY C 17 -0.78 27.30 -2.32
C GLY C 17 0.18 26.43 -1.51
N MET C 18 1.22 27.05 -0.98
CA MET C 18 2.24 26.28 -0.28
C MET C 18 1.72 25.72 1.04
N LYS C 19 0.88 26.50 1.71
CA LYS C 19 0.23 26.03 2.92
C LYS C 19 -0.74 24.87 2.62
N LYS C 20 -1.42 24.95 1.48
CA LYS C 20 -2.32 23.89 1.08
C LYS C 20 -1.59 22.59 0.77
N LEU C 21 -0.44 22.70 0.12
CA LEU C 21 0.39 21.53 -0.20
C LEU C 21 0.88 20.85 1.08
N LYS C 22 1.24 21.64 2.08
CA LYS C 22 1.69 21.13 3.36
C LYS C 22 0.57 20.40 4.07
N GLU C 23 -0.64 20.96 4.00
CA GLU C 23 -1.82 20.35 4.60
C GLU C 23 -2.11 18.99 3.99
N GLU C 24 -2.13 18.93 2.66
CA GLU C 24 -2.44 17.73 1.93
C GLU C 24 -1.43 16.64 2.23
N MET C 25 -0.17 17.03 2.35
CA MET C 25 0.87 16.04 2.61
C MET C 25 0.76 15.48 4.03
N GLU C 26 0.31 16.30 4.97
CA GLU C 26 -0.01 15.80 6.31
C GLU C 26 -1.03 14.66 6.20
N GLY C 27 -2.02 14.83 5.33
CA GLY C 27 -3.03 13.80 5.14
C GLY C 27 -2.46 12.57 4.47
N VAL C 28 -1.67 12.80 3.42
CA VAL C 28 -1.00 11.72 2.69
C VAL C 28 -0.14 10.82 3.60
N VAL C 29 0.67 11.43 4.43
CA VAL C 29 1.59 10.68 5.28
C VAL C 29 0.82 9.87 6.33
N LYS C 30 -0.33 10.37 6.80
CA LYS C 30 -1.19 9.56 7.65
C LYS C 30 -1.76 8.37 6.88
N GLU C 31 -2.09 8.58 5.60
CA GLU C 31 -2.55 7.48 4.74
C GLU C 31 -1.46 6.42 4.61
N LEU C 32 -0.23 6.89 4.41
CA LEU C 32 0.91 5.99 4.33
C LEU C 32 1.08 5.23 5.64
N ALA C 33 0.97 5.92 6.77
CA ALA C 33 1.10 5.31 8.09
C ALA C 33 0.13 4.14 8.20
N GLU C 34 -1.11 4.37 7.75
CA GLU C 34 -2.12 3.34 7.78
C GLU C 34 -1.74 2.15 6.89
N ASN C 35 -1.29 2.44 5.67
CA ASN C 35 -0.74 1.45 4.74
C ASN C 35 0.32 0.58 5.45
N ASN C 36 1.28 1.23 6.12
CA ASN C 36 2.34 0.54 6.84
C ASN C 36 1.79 -0.42 7.90
N HIS C 37 0.78 0.04 8.62
CA HIS C 37 0.14 -0.77 9.65
C HIS C 37 -0.50 -2.01 9.04
N ILE C 38 -1.30 -1.81 7.99
CA ILE C 38 -1.96 -2.96 7.35
C ILE C 38 -0.95 -3.96 6.79
N LEU C 39 0.10 -3.45 6.17
CA LEU C 39 1.17 -4.30 5.63
C LEU C 39 1.82 -5.16 6.73
N GLU C 40 2.08 -4.53 7.88
CA GLU C 40 2.61 -5.25 9.03
C GLU C 40 1.69 -6.42 9.39
N ARG C 41 0.39 -6.17 9.42
CA ARG C 41 -0.58 -7.25 9.72
C ARG C 41 -0.63 -8.37 8.65
N PHE C 42 -0.23 -8.05 7.42
CA PHE C 42 -0.22 -9.05 6.35
C PHE C 42 0.74 -10.18 6.71
N GLY C 43 1.83 -9.84 7.38
CA GLY C 43 2.83 -10.82 7.75
C GLY C 43 2.39 -11.79 8.83
N SER C 44 1.18 -11.60 9.38
CA SER C 44 0.71 -12.47 10.46
CA SER C 44 0.69 -12.46 10.46
C SER C 44 -0.43 -13.39 10.04
N LEU C 45 -0.88 -13.29 8.78
CA LEU C 45 -1.99 -14.14 8.32
C LEU C 45 -1.73 -15.65 8.36
N THR C 46 -0.52 -16.06 8.05
CA THR C 46 -0.20 -17.49 8.03
C THR C 46 0.51 -17.96 9.30
N MET C 47 0.12 -17.41 10.43
CA MET C 47 0.79 -17.72 11.69
C MET C 47 -0.23 -18.05 12.78
N ASP C 48 0.05 -19.12 13.53
CA ASP C 48 -0.60 -19.58 14.79
C ASP C 48 -0.91 -21.07 14.78
N SER D 7 12.74 38.07 -11.42
CA SER D 7 13.20 38.39 -10.07
C SER D 7 14.52 37.72 -9.70
N SER D 8 15.58 38.09 -10.43
CA SER D 8 16.94 37.62 -10.16
C SER D 8 17.01 36.11 -9.96
N ASN D 9 17.78 35.68 -8.96
CA ASN D 9 17.90 34.25 -8.68
C ASN D 9 16.94 33.73 -7.59
N THR D 10 15.91 34.49 -7.27
CA THR D 10 14.85 33.92 -6.43
C THR D 10 13.75 33.30 -7.28
N LEU D 11 13.49 33.87 -8.45
CA LEU D 11 12.63 33.18 -9.42
C LEU D 11 13.40 31.99 -9.99
N VAL D 12 14.72 32.17 -10.21
CA VAL D 12 15.58 31.05 -10.57
C VAL D 12 15.47 29.92 -9.53
N GLU D 13 15.70 30.26 -8.27
CA GLU D 13 15.66 29.28 -7.20
C GLU D 13 14.29 28.64 -7.04
N MET D 14 13.23 29.47 -7.13
CA MET D 14 11.87 28.95 -6.99
C MET D 14 11.52 27.99 -8.12
N THR D 15 11.96 28.31 -9.34
CA THR D 15 11.73 27.47 -10.52
C THR D 15 12.28 26.05 -10.33
N LEU D 16 13.53 25.97 -9.90
CA LEU D 16 14.19 24.69 -9.64
C LEU D 16 13.49 23.92 -8.52
N GLY D 17 13.09 24.65 -7.47
CA GLY D 17 12.39 24.01 -6.36
C GLY D 17 11.07 23.43 -6.81
N MET D 18 10.31 24.20 -7.60
CA MET D 18 9.01 23.73 -8.07
C MET D 18 9.19 22.54 -9.00
N LYS D 19 10.24 22.58 -9.84
CA LYS D 19 10.46 21.51 -10.80
C LYS D 19 10.82 20.19 -10.12
N LYS D 20 11.71 20.24 -9.15
CA LYS D 20 12.06 19.05 -8.37
C LYS D 20 10.85 18.47 -7.65
N LEU D 21 10.03 19.34 -7.07
CA LEU D 21 8.85 18.87 -6.34
C LEU D 21 7.92 18.12 -7.28
N LYS D 22 7.75 18.66 -8.48
CA LYS D 22 6.91 18.03 -9.49
C LYS D 22 7.44 16.66 -9.91
N GLU D 23 8.76 16.57 -10.14
CA GLU D 23 9.35 15.27 -10.48
C GLU D 23 9.21 14.27 -9.32
N GLU D 24 9.29 14.75 -8.08
CA GLU D 24 9.23 13.82 -6.94
C GLU D 24 7.80 13.31 -6.75
N MET D 25 6.81 14.18 -6.91
CA MET D 25 5.41 13.76 -6.81
C MET D 25 5.07 12.78 -7.93
N GLU D 26 5.65 12.99 -9.11
CA GLU D 26 5.49 12.03 -10.20
C GLU D 26 6.03 10.66 -9.81
N GLY D 27 7.15 10.64 -9.10
CA GLY D 27 7.73 9.39 -8.64
C GLY D 27 6.81 8.66 -7.67
N VAL D 28 6.15 9.41 -6.80
CA VAL D 28 5.21 8.85 -5.83
C VAL D 28 4.05 8.18 -6.56
N VAL D 29 3.54 8.83 -7.60
CA VAL D 29 2.42 8.29 -8.37
C VAL D 29 2.78 6.94 -9.00
N LYS D 30 4.00 6.81 -9.47
CA LYS D 30 4.43 5.54 -10.06
C LYS D 30 4.45 4.41 -9.02
N GLU D 31 4.88 4.73 -7.81
CA GLU D 31 4.96 3.71 -6.77
C GLU D 31 3.56 3.31 -6.35
N LEU D 32 2.69 4.30 -6.23
CA LEU D 32 1.29 4.05 -5.92
C LEU D 32 0.66 3.17 -7.01
N ALA D 33 0.98 3.45 -8.27
CA ALA D 33 0.48 2.64 -9.37
C ALA D 33 0.91 1.18 -9.24
N GLU D 34 2.17 0.96 -8.88
CA GLU D 34 2.66 -0.40 -8.67
C GLU D 34 1.93 -1.06 -7.50
N ASN D 35 1.74 -0.29 -6.41
CA ASN D 35 1.04 -0.82 -5.25
C ASN D 35 -0.36 -1.28 -5.62
N ASN D 36 -1.08 -0.47 -6.40
CA ASN D 36 -2.43 -0.84 -6.82
C ASN D 36 -2.42 -2.10 -7.67
N HIS D 37 -1.36 -2.31 -8.45
CA HIS D 37 -1.25 -3.50 -9.29
C HIS D 37 -1.06 -4.73 -8.43
N ILE D 38 -0.23 -4.62 -7.39
CA ILE D 38 -0.01 -5.73 -6.49
C ILE D 38 -1.32 -6.07 -5.77
N LEU D 39 -2.08 -5.05 -5.36
CA LEU D 39 -3.36 -5.28 -4.69
C LEU D 39 -4.38 -6.02 -5.57
N GLU D 40 -4.37 -5.73 -6.87
CA GLU D 40 -5.23 -6.45 -7.81
C GLU D 40 -4.89 -7.92 -7.83
N ARG D 41 -3.60 -8.24 -7.81
CA ARG D 41 -3.19 -9.64 -7.80
C ARG D 41 -3.53 -10.32 -6.48
N PHE D 42 -3.56 -9.55 -5.40
CA PHE D 42 -4.00 -10.14 -4.12
C PHE D 42 -5.46 -10.60 -4.20
N GLY D 43 -6.32 -9.83 -4.86
CA GLY D 43 -7.70 -10.24 -5.08
C GLY D 43 -7.77 -11.55 -5.84
N SER D 44 -6.85 -11.70 -6.78
CA SER D 44 -6.78 -12.89 -7.61
CA SER D 44 -6.76 -12.90 -7.62
C SER D 44 -6.43 -14.13 -6.81
N LEU D 45 -5.60 -13.96 -5.79
CA LEU D 45 -5.14 -15.03 -4.91
C LEU D 45 -6.27 -15.82 -4.23
N THR D 46 -7.29 -15.11 -3.76
CA THR D 46 -8.38 -15.75 -3.03
C THR D 46 -9.31 -16.53 -3.96
N MET D 47 -9.51 -15.98 -5.15
CA MET D 47 -10.29 -16.65 -6.19
C MET D 47 -9.51 -17.81 -6.80
#